data_5U7V
#
_entry.id   5U7V
#
_cell.length_a   53.830
_cell.length_b   51.910
_cell.length_c   69.460
_cell.angle_alpha   90.00
_cell.angle_beta   108.46
_cell.angle_gamma   90.00
#
_symmetry.space_group_name_H-M   'P 1 21 1'
#
loop_
_entity.id
_entity.type
_entity.pdbx_description
1 polymer Apyrase
2 non-polymer 'ADENOSINE MONOPHOSPHATE'
3 water water
#
_entity_poly.entity_id   1
_entity_poly.type   'polypeptide(L)'
_entity_poly.pdbx_seq_one_letter_code
;MGTITSYAVVFDAGSTGSRVHVYHFDQNLDLLHIGKDVEFYNKIQPGLSAYADNPEQAAKSLIPLLEQAENVVPEDFHSK
TPIRLGATAGLRLLDGDASERILQAVRDMLNNKSTFNVQPDAVSIIDGTQEGSYLWVTINYVLGNLGKRFTNTVGVIDLG
GGSVQMAYAVSKKTARNAPKVTDGEDPYIKKIVLKGKPYDLYVHSYLHFGREASRAEILKVTHGSASPCILAGFDGIYTY
SGEEFKASAPTSGANFDKCKKIIQKALKLDYPCPYQNCTFGGIWNGGGGSGQKKLFAASSFFYLPQDVGMVDPNKSNLKL
RPVDLENKAKIVCTLNVEDVKSAYPLLEKFNIVPYACMDLIYQYELLVDGFGLDPLQEITAGEKIEYQEALVDAAWALGN
AVEAVLLLPKFERLMYFVVEHHHHHH
;
_entity_poly.pdbx_strand_id   A
#
loop_
_chem_comp.id
_chem_comp.type
_chem_comp.name
_chem_comp.formula
AMP non-polymer 'ADENOSINE MONOPHOSPHATE' 'C10 H14 N5 O7 P'
#
# COMPACT_ATOMS: atom_id res chain seq x y z
N THR A 5 -12.40 11.48 -25.21
CA THR A 5 -12.01 11.52 -23.77
C THR A 5 -12.90 10.61 -22.91
N SER A 6 -12.27 9.85 -22.02
CA SER A 6 -13.01 9.05 -21.06
C SER A 6 -12.76 9.55 -19.66
N TYR A 7 -13.78 9.46 -18.80
CA TYR A 7 -13.60 9.67 -17.37
C TYR A 7 -13.54 8.29 -16.74
N ALA A 8 -12.94 8.15 -15.58
CA ALA A 8 -13.06 6.86 -14.89
C ALA A 8 -13.18 7.05 -13.42
N VAL A 9 -13.98 6.18 -12.81
CA VAL A 9 -14.33 6.30 -11.42
C VAL A 9 -13.95 4.98 -10.77
N VAL A 10 -13.03 5.06 -9.81
CA VAL A 10 -12.54 3.89 -9.08
C VAL A 10 -12.76 4.11 -7.62
N PHE A 11 -13.58 3.28 -6.98
CA PHE A 11 -13.71 3.31 -5.54
C PHE A 11 -12.68 2.40 -4.92
N ASP A 12 -12.09 2.87 -3.84
CA ASP A 12 -11.13 2.11 -3.08
C ASP A 12 -11.81 1.93 -1.75
N ALA A 13 -12.38 0.76 -1.53
CA ALA A 13 -13.00 0.48 -0.26
C ALA A 13 -12.02 -0.33 0.60
N GLY A 14 -11.09 0.35 1.28
CA GLY A 14 -10.11 -0.35 2.16
C GLY A 14 -10.64 -0.61 3.57
N SER A 15 -9.74 -0.93 4.50
CA SER A 15 -10.11 -1.36 5.86
C SER A 15 -10.64 -0.24 6.75
N THR A 16 -10.12 0.96 6.58
CA THR A 16 -10.46 2.09 7.47
C THR A 16 -11.50 3.04 6.87
N GLY A 17 -11.68 3.01 5.56
CA GLY A 17 -12.56 4.00 4.90
C GLY A 17 -12.73 3.69 3.42
N SER A 18 -13.60 4.45 2.77
CA SER A 18 -13.87 4.29 1.35
C SER A 18 -13.49 5.58 0.61
N ARG A 19 -12.71 5.47 -0.47
CA ARG A 19 -12.29 6.64 -1.26
C ARG A 19 -12.69 6.46 -2.67
N VAL A 20 -13.01 7.56 -3.32
CA VAL A 20 -13.35 7.58 -4.72
C VAL A 20 -12.28 8.40 -5.43
N HIS A 21 -11.88 7.97 -6.63
CA HIS A 21 -11.01 8.72 -7.48
C HIS A 21 -11.71 8.88 -8.78
N VAL A 22 -11.55 10.02 -9.41
CA VAL A 22 -12.13 10.21 -10.70
C VAL A 22 -11.07 10.86 -11.53
N TYR A 23 -10.79 10.25 -12.69
CA TYR A 23 -9.87 10.83 -13.67
C TYR A 23 -10.62 11.10 -14.96
N HIS A 24 -10.09 12.04 -15.71
CA HIS A 24 -10.57 12.39 -17.04
C HIS A 24 -9.38 12.16 -17.96
N PHE A 25 -9.43 11.11 -18.77
CA PHE A 25 -8.36 10.84 -19.73
C PHE A 25 -8.68 11.46 -21.09
N ASP A 26 -7.71 12.13 -21.70
CA ASP A 26 -7.90 12.64 -23.06
C ASP A 26 -7.75 11.49 -24.07
N GLN A 27 -7.98 11.77 -25.36
CA GLN A 27 -7.92 10.78 -26.42
C GLN A 27 -6.59 9.99 -26.44
N ASN A 28 -5.49 10.60 -26.00
CA ASN A 28 -4.19 9.91 -25.97
C ASN A 28 -3.83 9.36 -24.57
N LEU A 29 -4.87 9.15 -23.76
CA LEU A 29 -4.73 8.59 -22.43
C LEU A 29 -3.84 9.45 -21.49
N ASP A 30 -3.72 10.75 -21.75
CA ASP A 30 -3.12 11.66 -20.75
C ASP A 30 -4.26 12.14 -19.88
N LEU A 31 -3.91 12.59 -18.67
CA LEU A 31 -4.90 13.12 -17.75
C LEU A 31 -5.22 14.56 -18.11
N LEU A 32 -6.50 14.90 -18.04
CA LEU A 32 -6.99 16.25 -18.12
C LEU A 32 -7.29 16.71 -16.74
N HIS A 33 -7.12 18.00 -16.51
CA HIS A 33 -7.44 18.55 -15.22
C HIS A 33 -8.94 18.44 -15.03
N ILE A 34 -9.35 18.19 -13.79
CA ILE A 34 -10.71 18.36 -13.35
C ILE A 34 -10.57 19.49 -12.37
N GLY A 35 -11.13 20.64 -12.73
CA GLY A 35 -10.87 21.89 -12.02
C GLY A 35 -9.38 22.11 -11.99
N LYS A 36 -8.87 22.48 -10.83
CA LYS A 36 -7.46 22.69 -10.67
C LYS A 36 -6.59 21.41 -10.43
N ASP A 37 -7.24 20.26 -10.33
CA ASP A 37 -6.55 19.01 -10.04
C ASP A 37 -6.51 18.11 -11.26
N VAL A 38 -5.63 17.11 -11.23
CA VAL A 38 -5.60 16.06 -12.27
C VAL A 38 -6.36 14.80 -11.82
N GLU A 39 -6.64 14.73 -10.52
CA GLU A 39 -7.34 13.64 -9.88
C GLU A 39 -8.41 14.26 -8.97
N PHE A 40 -9.65 13.81 -9.09
CA PHE A 40 -10.65 14.13 -8.07
C PHE A 40 -10.62 12.99 -7.07
N TYR A 41 -10.99 13.33 -5.83
CA TYR A 41 -10.77 12.46 -4.68
C TYR A 41 -11.56 12.93 -3.46
N ASN A 42 -12.42 12.07 -2.94
CA ASN A 42 -12.88 12.20 -1.56
C ASN A 42 -12.88 10.87 -0.81
N LYS A 43 -12.75 10.96 0.51
CA LYS A 43 -12.79 9.82 1.37
C LYS A 43 -13.94 9.98 2.38
N ILE A 44 -14.39 8.83 2.87
CA ILE A 44 -15.30 8.75 4.00
C ILE A 44 -14.79 7.71 4.95
N GLN A 45 -15.34 7.76 6.15
CA GLN A 45 -15.13 6.72 7.14
C GLN A 45 -16.49 6.36 7.76
N PRO A 46 -16.61 5.17 8.39
CA PRO A 46 -15.64 4.07 8.47
C PRO A 46 -15.63 3.32 7.15
N GLY A 47 -14.94 2.19 7.11
CA GLY A 47 -14.86 1.34 5.94
C GLY A 47 -15.98 0.29 5.94
N LEU A 48 -16.26 -0.25 4.75
CA LEU A 48 -17.22 -1.32 4.53
C LEU A 48 -17.25 -2.33 5.68
N SER A 49 -16.06 -2.82 6.04
CA SER A 49 -15.87 -3.80 7.12
C SER A 49 -16.45 -3.43 8.50
N ALA A 50 -16.75 -2.16 8.73
CA ALA A 50 -17.45 -1.76 9.96
C ALA A 50 -18.90 -2.19 9.95
N TYR A 51 -19.46 -2.51 8.77
CA TYR A 51 -20.88 -2.85 8.61
C TYR A 51 -21.03 -4.35 8.33
N ALA A 52 -20.32 -5.18 9.10
CA ALA A 52 -20.39 -6.61 8.88
C ALA A 52 -21.82 -7.09 9.17
N ASP A 53 -22.39 -6.61 10.27
CA ASP A 53 -23.73 -6.99 10.68
C ASP A 53 -24.83 -6.06 10.13
N ASN A 54 -24.48 -5.21 9.17
CA ASN A 54 -25.46 -4.34 8.53
C ASN A 54 -25.02 -4.00 7.12
N PRO A 55 -24.90 -5.02 6.27
CA PRO A 55 -24.29 -4.83 4.98
C PRO A 55 -25.02 -3.81 4.10
N GLU A 56 -26.31 -3.61 4.36
CA GLU A 56 -27.10 -2.64 3.60
C GLU A 56 -26.55 -1.26 3.81
N GLN A 57 -26.14 -0.98 5.03
CA GLN A 57 -25.62 0.31 5.44
C GLN A 57 -24.19 0.56 4.89
N ALA A 58 -23.48 -0.53 4.60
CA ALA A 58 -22.18 -0.46 3.96
C ALA A 58 -22.38 0.13 2.59
N ALA A 59 -23.34 -0.37 1.83
CA ALA A 59 -23.60 0.20 0.52
C ALA A 59 -24.11 1.61 0.64
N LYS A 60 -25.05 1.84 1.54
CA LYS A 60 -25.60 3.18 1.73
C LYS A 60 -24.53 4.24 2.09
N SER A 61 -23.50 3.84 2.86
CA SER A 61 -22.35 4.69 3.22
C SER A 61 -21.62 5.34 2.03
N LEU A 62 -21.57 4.60 0.94
CA LEU A 62 -20.88 5.04 -0.24
C LEU A 62 -21.71 6.02 -1.00
N ILE A 63 -22.98 6.16 -0.64
CA ILE A 63 -23.85 7.02 -1.44
C ILE A 63 -23.22 8.36 -1.79
N PRO A 64 -22.77 9.11 -0.78
CA PRO A 64 -22.21 10.44 -1.02
C PRO A 64 -21.08 10.51 -2.05
N LEU A 65 -20.11 9.62 -1.88
CA LEU A 65 -18.99 9.46 -2.84
C LEU A 65 -19.49 9.22 -4.24
N LEU A 66 -20.41 8.29 -4.37
CA LEU A 66 -21.00 8.04 -5.64
C LEU A 66 -21.54 9.37 -6.16
N GLU A 67 -22.25 10.09 -5.29
CA GLU A 67 -22.89 11.33 -5.72
C GLU A 67 -21.89 12.41 -6.08
N GLN A 68 -20.78 12.51 -5.34
CA GLN A 68 -19.68 13.41 -5.79
C GLN A 68 -19.22 12.99 -7.19
N ALA A 69 -19.11 11.68 -7.40
CA ALA A 69 -18.63 11.16 -8.66
C ALA A 69 -19.60 11.48 -9.77
N GLU A 70 -20.88 11.18 -9.52
CA GLU A 70 -21.99 11.51 -10.44
C GLU A 70 -21.97 12.98 -10.83
N ASN A 71 -21.59 13.82 -9.89
CA ASN A 71 -21.63 15.26 -10.10
C ASN A 71 -20.38 15.69 -10.81
N VAL A 72 -19.23 15.35 -10.24
CA VAL A 72 -17.93 15.59 -10.87
C VAL A 72 -17.84 15.20 -12.37
N VAL A 73 -18.49 14.12 -12.76
CA VAL A 73 -18.50 13.71 -14.16
C VAL A 73 -19.73 14.27 -14.85
N PRO A 74 -19.53 15.04 -15.92
CA PRO A 74 -20.68 15.60 -16.66
C PRO A 74 -21.62 14.51 -17.15
N GLU A 75 -22.93 14.78 -17.09
CA GLU A 75 -23.97 13.78 -17.38
C GLU A 75 -23.74 13.15 -18.74
N ASP A 76 -23.17 13.95 -19.64
CA ASP A 76 -22.95 13.56 -21.01
C ASP A 76 -22.00 12.35 -21.10
N PHE A 77 -21.17 12.13 -20.09
CA PHE A 77 -20.18 11.04 -20.14
C PHE A 77 -20.62 9.79 -19.39
N HIS A 78 -21.67 9.92 -18.60
CA HIS A 78 -21.98 8.90 -17.60
C HIS A 78 -22.16 7.49 -18.14
N SER A 79 -23.02 7.33 -19.13
CA SER A 79 -23.35 5.99 -19.67
C SER A 79 -22.11 5.19 -20.09
N LYS A 80 -21.05 5.92 -20.47
CA LYS A 80 -19.83 5.34 -21.01
C LYS A 80 -18.67 5.42 -20.01
N THR A 81 -18.97 5.82 -18.78
CA THR A 81 -17.95 5.94 -17.76
C THR A 81 -17.87 4.65 -16.91
N PRO A 82 -16.69 4.00 -16.90
CA PRO A 82 -16.52 2.83 -16.06
C PRO A 82 -16.50 3.21 -14.57
N ILE A 83 -17.36 2.59 -13.76
CA ILE A 83 -17.26 2.68 -12.33
C ILE A 83 -16.85 1.30 -11.77
N ARG A 84 -15.72 1.29 -11.05
CA ARG A 84 -15.21 0.10 -10.45
C ARG A 84 -14.99 0.32 -8.97
N LEU A 85 -15.33 -0.67 -8.17
CA LEU A 85 -15.04 -0.62 -6.77
C LEU A 85 -14.23 -1.84 -6.44
N GLY A 86 -13.11 -1.56 -5.82
CA GLY A 86 -12.20 -2.57 -5.44
C GLY A 86 -12.16 -2.49 -3.97
N ALA A 87 -12.62 -3.54 -3.30
CA ALA A 87 -12.55 -3.65 -1.84
C ALA A 87 -11.30 -4.44 -1.37
N THR A 88 -10.75 -4.12 -0.20
CA THR A 88 -9.55 -4.79 0.32
C THR A 88 -9.81 -6.19 0.91
N ALA A 89 -8.79 -7.05 0.85
CA ALA A 89 -8.94 -8.46 1.23
C ALA A 89 -9.28 -8.67 2.69
N GLY A 90 -9.00 -7.67 3.53
CA GLY A 90 -9.51 -7.61 4.90
C GLY A 90 -10.94 -8.13 5.01
N LEU A 91 -11.78 -7.82 4.01
CA LEU A 91 -13.19 -8.23 4.00
C LEU A 91 -13.39 -9.73 4.08
N ARG A 92 -12.53 -10.50 3.44
CA ARG A 92 -12.63 -11.97 3.48
C ARG A 92 -12.56 -12.51 4.93
N LEU A 93 -11.96 -11.75 5.85
CA LEU A 93 -11.86 -12.15 7.27
C LEU A 93 -13.14 -11.98 8.07
N LEU A 94 -14.22 -11.51 7.44
CA LEU A 94 -15.51 -11.38 8.13
C LEU A 94 -16.16 -12.76 8.21
N ASP A 95 -16.79 -13.07 9.34
CA ASP A 95 -17.39 -14.39 9.57
C ASP A 95 -18.54 -14.64 8.60
N GLY A 96 -18.75 -15.91 8.26
CA GLY A 96 -19.84 -16.32 7.39
C GLY A 96 -19.72 -15.72 5.99
N ASP A 97 -20.86 -15.31 5.44
CA ASP A 97 -20.93 -14.83 4.06
C ASP A 97 -21.07 -13.30 3.98
N ALA A 98 -20.69 -12.65 5.08
CA ALA A 98 -20.70 -11.18 5.20
C ALA A 98 -19.91 -10.50 4.08
N SER A 99 -18.65 -10.90 3.92
CA SER A 99 -17.85 -10.48 2.77
C SER A 99 -18.78 -10.27 1.58
N GLU A 100 -19.41 -11.34 1.16
CA GLU A 100 -20.13 -11.40 -0.11
C GLU A 100 -21.49 -10.67 -0.03
N ARG A 101 -22.18 -10.77 1.11
CA ARG A 101 -23.36 -9.94 1.35
C ARG A 101 -23.04 -8.45 1.19
N ILE A 102 -21.85 -8.03 1.61
CA ILE A 102 -21.46 -6.61 1.55
C ILE A 102 -21.21 -6.13 0.13
N LEU A 103 -20.45 -6.95 -0.59
CA LEU A 103 -20.26 -6.72 -2.01
C LEU A 103 -21.61 -6.67 -2.66
N GLN A 104 -22.48 -7.59 -2.28
CA GLN A 104 -23.71 -7.74 -2.99
C GLN A 104 -24.52 -6.51 -2.73
N ALA A 105 -24.42 -6.04 -1.48
CA ALA A 105 -25.10 -4.82 -1.06
C ALA A 105 -24.57 -3.63 -1.86
N VAL A 106 -23.28 -3.61 -2.13
CA VAL A 106 -22.71 -2.55 -2.96
C VAL A 106 -23.23 -2.65 -4.40
N ARG A 107 -23.17 -3.86 -4.95
CA ARG A 107 -23.66 -4.12 -6.31
C ARG A 107 -25.06 -3.55 -6.50
N ASP A 108 -25.94 -3.90 -5.55
CA ASP A 108 -27.34 -3.56 -5.62
C ASP A 108 -27.42 -2.04 -5.68
N MET A 109 -26.83 -1.39 -4.68
CA MET A 109 -26.85 0.06 -4.59
C MET A 109 -26.41 0.70 -5.89
N LEU A 110 -25.26 0.27 -6.42
CA LEU A 110 -24.74 0.93 -7.62
C LEU A 110 -25.74 0.75 -8.77
N ASN A 111 -26.28 -0.46 -8.90
CA ASN A 111 -27.29 -0.71 -9.92
C ASN A 111 -28.54 0.13 -9.74
N ASN A 112 -28.93 0.34 -8.48
CA ASN A 112 -30.14 1.12 -8.21
C ASN A 112 -29.90 2.61 -8.27
N LYS A 113 -28.74 3.05 -7.80
CA LYS A 113 -28.49 4.46 -7.57
C LYS A 113 -27.52 5.09 -8.59
N SER A 114 -26.77 4.30 -9.37
CA SER A 114 -25.77 4.90 -10.24
C SER A 114 -26.28 5.12 -11.65
N THR A 115 -25.84 6.21 -12.28
CA THR A 115 -26.13 6.40 -13.69
C THR A 115 -24.89 6.15 -14.51
N PHE A 116 -23.88 5.57 -13.86
CA PHE A 116 -22.64 5.26 -14.55
C PHE A 116 -22.71 3.92 -15.25
N ASN A 117 -21.65 3.61 -15.98
CA ASN A 117 -21.52 2.30 -16.57
C ASN A 117 -21.16 1.23 -15.52
N VAL A 118 -22.16 0.59 -14.92
CA VAL A 118 -21.92 -0.41 -13.86
C VAL A 118 -22.02 -1.87 -14.35
N GLN A 119 -20.86 -2.43 -14.69
CA GLN A 119 -20.80 -3.77 -15.26
C GLN A 119 -20.92 -4.80 -14.14
N PRO A 120 -21.25 -6.07 -14.45
CA PRO A 120 -21.39 -7.11 -13.41
C PRO A 120 -20.10 -7.42 -12.61
N ASP A 121 -18.96 -7.01 -13.14
CA ASP A 121 -17.67 -7.20 -12.49
C ASP A 121 -17.07 -5.91 -11.89
N ALA A 122 -17.91 -4.91 -11.64
CA ALA A 122 -17.45 -3.62 -11.13
C ALA A 122 -16.95 -3.71 -9.70
N VAL A 123 -17.51 -4.63 -8.94
CA VAL A 123 -17.29 -4.72 -7.52
C VAL A 123 -16.61 -6.04 -7.24
N SER A 124 -15.33 -5.95 -6.88
CA SER A 124 -14.55 -7.13 -6.51
C SER A 124 -13.68 -6.86 -5.31
N ILE A 125 -13.27 -7.94 -4.67
CA ILE A 125 -12.11 -7.97 -3.79
C ILE A 125 -10.87 -7.83 -4.66
N ILE A 126 -10.02 -6.88 -4.34
CA ILE A 126 -8.85 -6.62 -5.17
C ILE A 126 -7.70 -7.61 -4.81
N ASP A 127 -7.23 -7.62 -3.57
CA ASP A 127 -6.05 -8.42 -3.13
C ASP A 127 -4.71 -7.75 -3.43
N GLY A 128 -3.69 -8.13 -2.67
CA GLY A 128 -2.40 -7.47 -2.67
C GLY A 128 -1.66 -7.56 -3.96
N THR A 129 -1.74 -8.72 -4.61
CA THR A 129 -1.00 -8.90 -5.83
C THR A 129 -1.47 -7.89 -6.86
N GLN A 130 -2.79 -7.78 -7.04
CA GLN A 130 -3.40 -6.80 -7.95
C GLN A 130 -3.20 -5.33 -7.50
N GLU A 131 -3.18 -5.10 -6.18
CA GLU A 131 -2.85 -3.79 -5.66
C GLU A 131 -1.48 -3.38 -6.09
N GLY A 132 -0.62 -4.37 -6.16
CA GLY A 132 0.76 -4.16 -6.56
C GLY A 132 0.95 -3.84 -8.03
N SER A 133 0.34 -4.64 -8.92
CA SER A 133 0.45 -4.38 -10.38
C SER A 133 -0.17 -3.05 -10.75
N TYR A 134 -1.38 -2.80 -10.31
CA TYR A 134 -2.03 -1.51 -10.48
C TYR A 134 -1.15 -0.37 -10.01
N LEU A 135 -0.58 -0.48 -8.80
CA LEU A 135 0.23 0.59 -8.33
C LEU A 135 1.39 0.76 -9.30
N TRP A 136 1.96 -0.33 -9.79
CA TRP A 136 3.04 -0.21 -10.72
C TRP A 136 2.53 0.55 -11.95
N VAL A 137 1.28 0.34 -12.33
CA VAL A 137 0.75 1.10 -13.47
C VAL A 137 0.60 2.56 -13.05
N THR A 138 0.05 2.79 -11.85
CA THR A 138 -0.11 4.18 -11.42
C THR A 138 1.20 4.92 -11.59
N ILE A 139 2.25 4.40 -10.97
CA ILE A 139 3.55 5.11 -10.97
C ILE A 139 4.32 5.24 -12.32
N ASN A 140 4.25 4.22 -13.15
CA ASN A 140 4.89 4.32 -14.42
C ASN A 140 4.00 5.05 -15.42
N TYR A 141 2.69 4.99 -15.26
CA TYR A 141 1.87 5.93 -15.98
C TYR A 141 2.34 7.36 -15.74
N VAL A 142 2.40 7.76 -14.49
CA VAL A 142 2.64 9.14 -14.14
C VAL A 142 4.00 9.55 -14.65
N LEU A 143 4.98 8.69 -14.46
CA LEU A 143 6.36 8.99 -14.84
C LEU A 143 6.67 9.00 -16.35
N GLY A 144 5.73 8.56 -17.18
CA GLY A 144 5.91 8.57 -18.64
C GLY A 144 6.78 7.42 -19.11
N ASN A 145 6.55 6.25 -18.51
CA ASN A 145 7.41 5.09 -18.68
C ASN A 145 6.69 4.01 -19.44
N LEU A 146 5.37 4.08 -19.56
CA LEU A 146 4.64 3.05 -20.31
C LEU A 146 5.15 3.10 -21.75
N GLY A 147 5.34 1.94 -22.37
CA GLY A 147 5.99 1.90 -23.70
C GLY A 147 7.51 1.89 -23.71
N LYS A 148 8.14 2.10 -22.56
CA LYS A 148 9.59 1.93 -22.47
C LYS A 148 10.00 0.48 -22.26
N ARG A 149 11.29 0.19 -22.44
CA ARG A 149 11.79 -1.16 -22.20
C ARG A 149 11.59 -1.35 -20.71
N PHE A 150 11.35 -2.59 -20.31
CA PHE A 150 11.15 -2.90 -18.94
C PHE A 150 12.27 -2.37 -18.05
N THR A 151 13.49 -2.40 -18.55
CA THR A 151 14.69 -1.96 -17.82
C THR A 151 14.70 -0.50 -17.42
N ASN A 152 13.86 0.31 -18.06
CA ASN A 152 13.73 1.70 -17.65
C ASN A 152 12.35 1.97 -17.05
N THR A 153 11.67 0.96 -16.53
CA THR A 153 10.51 1.25 -15.68
C THR A 153 10.90 1.37 -14.18
N VAL A 154 9.93 1.78 -13.34
CA VAL A 154 10.18 2.03 -11.91
C VAL A 154 9.48 0.98 -11.07
N GLY A 155 10.27 0.34 -10.20
CA GLY A 155 9.75 -0.67 -9.31
C GLY A 155 8.88 0.02 -8.30
N VAL A 156 7.94 -0.74 -7.71
CA VAL A 156 7.11 -0.23 -6.64
C VAL A 156 7.00 -1.16 -5.45
N ILE A 157 7.03 -0.53 -4.28
CA ILE A 157 6.80 -1.23 -3.06
C ILE A 157 5.70 -0.49 -2.33
N ASP A 158 4.75 -1.19 -1.79
CA ASP A 158 3.72 -0.55 -1.09
C ASP A 158 3.52 -1.14 0.29
N LEU A 159 3.71 -0.34 1.32
CA LEU A 159 3.45 -0.81 2.66
C LEU A 159 2.10 -0.33 3.18
N GLY A 160 1.08 -1.17 3.09
CA GLY A 160 -0.24 -0.86 3.64
C GLY A 160 -0.24 -1.29 5.08
N GLY A 161 -1.42 -1.46 5.69
CA GLY A 161 -1.50 -1.72 7.14
C GLY A 161 -1.20 -3.16 7.42
N GLY A 162 -1.76 -3.99 6.58
CA GLY A 162 -1.68 -5.42 6.76
C GLY A 162 -0.70 -6.16 5.87
N SER A 163 -0.49 -5.71 4.62
CA SER A 163 0.38 -6.42 3.71
C SER A 163 1.31 -5.49 2.98
N VAL A 164 2.44 -5.99 2.44
CA VAL A 164 3.37 -5.16 1.70
C VAL A 164 3.50 -5.81 0.34
N GLN A 165 3.47 -4.99 -0.70
CA GLN A 165 3.58 -5.47 -2.08
C GLN A 165 4.86 -5.01 -2.68
N MET A 166 5.46 -5.88 -3.47
CA MET A 166 6.57 -5.57 -4.35
C MET A 166 6.14 -5.90 -5.78
N ALA A 167 6.35 -5.00 -6.73
CA ALA A 167 5.99 -5.26 -8.12
C ALA A 167 7.00 -4.59 -8.95
N TYR A 168 7.61 -5.32 -9.86
CA TYR A 168 8.55 -4.66 -10.76
C TYR A 168 8.65 -5.47 -12.04
N ALA A 169 8.91 -4.81 -13.15
CA ALA A 169 8.97 -5.51 -14.46
C ALA A 169 10.24 -6.33 -14.60
N VAL A 170 10.08 -7.54 -15.15
CA VAL A 170 11.24 -8.41 -15.48
C VAL A 170 11.39 -8.80 -16.95
N SER A 171 12.58 -9.30 -17.30
CA SER A 171 12.89 -9.79 -18.64
C SER A 171 11.96 -10.93 -19.13
N LYS A 172 11.93 -11.13 -20.44
CA LYS A 172 11.23 -12.28 -21.03
C LYS A 172 11.78 -13.56 -20.42
N LYS A 173 13.11 -13.71 -20.44
CA LYS A 173 13.80 -14.87 -19.82
C LYS A 173 13.22 -15.09 -18.43
N THR A 174 13.32 -14.05 -17.60
CA THR A 174 12.96 -14.17 -16.19
C THR A 174 11.55 -14.65 -16.03
N ALA A 175 10.64 -14.04 -16.78
CA ALA A 175 9.23 -14.43 -16.74
C ALA A 175 9.07 -15.89 -17.13
N ARG A 176 9.67 -16.32 -18.24
CA ARG A 176 9.42 -17.69 -18.70
C ARG A 176 9.98 -18.71 -17.74
N ASN A 177 11.03 -18.33 -17.00
CA ASN A 177 11.66 -19.18 -15.96
C ASN A 177 11.13 -19.06 -14.53
N ALA A 178 10.15 -18.20 -14.30
CA ALA A 178 9.63 -17.94 -12.96
C ALA A 178 9.05 -19.22 -12.37
N PRO A 179 9.26 -19.46 -11.07
CA PRO A 179 8.71 -20.69 -10.49
C PRO A 179 7.20 -20.70 -10.38
N LYS A 180 6.65 -21.86 -10.08
CA LYS A 180 5.27 -22.18 -10.37
C LYS A 180 4.24 -21.89 -9.29
N VAL A 181 4.56 -22.18 -8.03
CA VAL A 181 3.58 -22.14 -6.93
C VAL A 181 2.25 -22.85 -7.31
N GLU A 185 0.59 -18.87 -3.35
CA GLU A 185 -0.43 -19.33 -4.28
C GLU A 185 -0.83 -18.27 -5.35
N ASP A 186 -0.61 -16.98 -5.09
CA ASP A 186 -0.69 -15.99 -6.16
C ASP A 186 0.49 -16.20 -7.09
N PRO A 187 0.25 -16.17 -8.42
CA PRO A 187 1.39 -16.34 -9.32
C PRO A 187 2.36 -15.19 -9.14
N TYR A 188 3.62 -15.40 -9.45
CA TYR A 188 4.63 -14.36 -9.28
C TYR A 188 4.65 -13.42 -10.49
N ILE A 189 4.15 -13.90 -11.62
CA ILE A 189 4.18 -13.08 -12.80
C ILE A 189 2.79 -12.68 -13.19
N LYS A 190 2.64 -11.41 -13.58
CA LYS A 190 1.38 -10.88 -14.04
C LYS A 190 1.68 -10.23 -15.38
N LYS A 191 1.16 -10.83 -16.44
CA LYS A 191 1.34 -10.33 -17.78
C LYS A 191 0.29 -9.21 -18.09
N ILE A 192 0.77 -8.01 -18.36
CA ILE A 192 -0.09 -6.89 -18.70
C ILE A 192 0.49 -6.23 -19.94
N VAL A 193 -0.39 -5.83 -20.87
CA VAL A 193 0.01 -5.03 -22.03
C VAL A 193 -0.48 -3.61 -21.85
N LEU A 194 0.35 -2.62 -22.19
CA LEU A 194 -0.03 -1.20 -21.98
C LEU A 194 0.23 -0.29 -23.18
CA GLY A 196 0.86 -0.93 -26.43
C GLY A 196 2.16 -1.72 -26.41
N LYS A 197 2.55 -2.15 -25.22
CA LYS A 197 3.82 -2.88 -25.02
C LYS A 197 3.55 -3.91 -23.91
N PRO A 198 4.01 -5.15 -24.11
CA PRO A 198 3.69 -6.17 -23.14
C PRO A 198 4.69 -6.04 -21.99
N TYR A 199 4.20 -6.23 -20.76
CA TYR A 199 5.06 -6.21 -19.58
C TYR A 199 4.88 -7.47 -18.80
N ASP A 200 5.98 -8.02 -18.31
CA ASP A 200 5.94 -9.09 -17.32
C ASP A 200 6.36 -8.51 -15.99
N LEU A 201 5.39 -8.38 -15.07
CA LEU A 201 5.64 -7.88 -13.72
C LEU A 201 5.86 -9.00 -12.74
N TYR A 202 6.98 -8.98 -12.02
CA TYR A 202 7.04 -9.72 -10.78
C TYR A 202 6.10 -8.99 -9.85
N VAL A 203 5.24 -9.75 -9.20
CA VAL A 203 4.31 -9.23 -8.20
C VAL A 203 4.30 -10.20 -6.99
N HIS A 204 4.49 -9.68 -5.79
CA HIS A 204 4.17 -10.46 -4.60
C HIS A 204 3.60 -9.59 -3.54
N SER A 205 2.60 -10.13 -2.84
CA SER A 205 2.02 -9.43 -1.73
C SER A 205 2.31 -10.26 -0.51
N TYR A 206 2.87 -9.64 0.51
CA TYR A 206 3.18 -10.34 1.74
C TYR A 206 2.16 -10.01 2.84
N LEU A 207 1.31 -10.95 3.18
CA LEU A 207 0.39 -10.81 4.28
C LEU A 207 1.20 -10.83 5.57
N HIS A 208 0.68 -10.11 6.56
CA HIS A 208 1.24 -9.98 7.88
C HIS A 208 2.43 -9.02 7.97
N PHE A 209 2.80 -8.39 6.85
CA PHE A 209 4.00 -7.54 6.78
C PHE A 209 3.79 -6.11 6.40
N GLY A 210 2.52 -5.72 6.52
CA GLY A 210 2.08 -4.34 6.44
C GLY A 210 2.53 -3.66 7.68
N ARG A 211 2.33 -2.35 7.76
CA ARG A 211 2.81 -1.55 8.89
C ARG A 211 2.25 -2.04 10.24
N GLU A 212 0.96 -2.23 10.30
CA GLU A 212 0.28 -2.54 11.57
C GLU A 212 0.49 -3.96 11.91
N ALA A 213 0.35 -4.75 10.90
CA ALA A 213 0.56 -6.18 10.96
C ALA A 213 2.00 -6.58 11.36
N SER A 214 2.99 -5.83 10.86
CA SER A 214 4.38 -6.12 11.16
C SER A 214 4.62 -6.08 12.66
N ARG A 215 3.96 -5.20 13.35
CA ARG A 215 4.22 -4.99 14.75
C ARG A 215 3.79 -6.20 15.55
N ALA A 216 2.89 -6.98 15.01
CA ALA A 216 2.28 -8.11 15.68
C ALA A 216 3.23 -9.24 15.48
N GLU A 217 3.82 -9.29 14.31
CA GLU A 217 4.87 -10.27 14.04
C GLU A 217 6.04 -10.00 14.92
N ILE A 218 6.34 -8.71 15.13
CA ILE A 218 7.56 -8.34 15.81
C ILE A 218 7.33 -8.60 17.28
N LEU A 219 6.17 -8.18 17.76
CA LEU A 219 5.82 -8.33 19.17
C LEU A 219 5.67 -9.81 19.61
N LYS A 220 5.18 -10.65 18.71
CA LYS A 220 5.09 -12.04 18.97
C LYS A 220 6.44 -12.68 19.30
N VAL A 221 7.54 -12.15 18.77
CA VAL A 221 8.81 -12.80 18.89
C VAL A 221 9.19 -12.82 20.38
N THR A 222 8.85 -11.77 21.12
CA THR A 222 9.15 -11.68 22.56
C THR A 222 7.97 -12.16 23.44
N HIS A 223 6.88 -12.47 22.79
CA HIS A 223 5.70 -13.17 23.43
C HIS A 223 5.14 -12.32 24.57
N GLY A 224 5.11 -12.78 25.81
CA GLY A 224 4.66 -11.92 26.90
C GLY A 224 5.78 -11.14 27.57
N SER A 225 7.00 -11.19 27.06
CA SER A 225 8.04 -10.41 27.77
C SER A 225 8.20 -9.04 27.14
N ALA A 226 8.98 -8.20 27.78
CA ALA A 226 9.33 -6.89 27.28
C ALA A 226 10.04 -7.00 25.95
N SER A 227 9.75 -6.07 25.05
CA SER A 227 10.36 -6.01 23.71
C SER A 227 11.28 -4.81 23.66
N PRO A 228 12.57 -5.04 23.34
CA PRO A 228 13.45 -3.93 23.17
C PRO A 228 13.12 -3.08 21.94
N CYS A 229 12.04 -3.44 21.22
CA CYS A 229 11.52 -2.61 20.14
C CYS A 229 10.50 -1.61 20.62
N ILE A 230 10.27 -1.54 21.93
CA ILE A 230 9.28 -0.62 22.49
C ILE A 230 10.03 0.45 23.27
N LEU A 231 9.64 1.71 23.10
CA LEU A 231 10.28 2.82 23.75
C LEU A 231 10.02 2.82 25.23
N ALA A 232 11.03 3.26 25.99
CA ALA A 232 10.84 3.57 27.41
C ALA A 232 9.80 4.66 27.59
N GLY A 233 9.05 4.70 28.67
CA GLY A 233 8.41 3.59 29.29
C GLY A 233 6.98 3.73 28.76
N PHE A 234 6.64 2.85 27.85
CA PHE A 234 5.30 2.55 27.47
C PHE A 234 5.14 1.13 28.02
N ASP A 235 3.97 0.85 28.55
CA ASP A 235 3.67 -0.42 29.20
C ASP A 235 2.25 -0.62 28.72
N GLY A 236 2.08 -1.44 27.70
CA GLY A 236 0.75 -1.55 27.10
C GLY A 236 0.50 -2.73 26.19
N ILE A 237 -0.56 -2.57 25.41
CA ILE A 237 -1.11 -3.62 24.63
C ILE A 237 -1.31 -3.14 23.23
N TYR A 238 -0.92 -3.97 22.27
CA TYR A 238 -1.05 -3.63 20.91
C TYR A 238 -2.00 -4.67 20.44
N THR A 239 -3.04 -4.20 19.75
CA THR A 239 -4.10 -5.03 19.24
C THR A 239 -4.01 -4.97 17.76
N TYR A 240 -4.06 -6.13 17.12
CA TYR A 240 -4.10 -6.16 15.69
C TYR A 240 -4.96 -7.29 15.31
N SER A 241 -5.97 -6.95 14.50
CA SER A 241 -6.94 -7.92 14.00
C SER A 241 -7.48 -8.80 15.15
N GLY A 242 -7.77 -8.13 16.26
CA GLY A 242 -8.42 -8.77 17.38
C GLY A 242 -7.41 -9.33 18.37
N GLU A 243 -6.15 -9.43 17.97
CA GLU A 243 -5.20 -10.17 18.77
C GLU A 243 -4.45 -9.17 19.60
N GLU A 244 -4.12 -9.54 20.83
CA GLU A 244 -3.45 -8.64 21.76
C GLU A 244 -2.00 -9.02 21.95
N PHE A 245 -1.14 -8.02 22.05
CA PHE A 245 0.30 -8.23 22.10
C PHE A 245 0.79 -7.27 23.13
N LYS A 246 1.51 -7.78 24.15
CA LYS A 246 2.10 -6.92 25.14
C LYS A 246 3.25 -6.17 24.49
N ALA A 247 3.24 -4.87 24.69
CA ALA A 247 4.22 -3.91 24.24
C ALA A 247 4.67 -3.13 25.46
N SER A 248 5.66 -3.68 26.14
CA SER A 248 6.31 -3.08 27.26
C SER A 248 7.84 -2.99 26.90
N ALA A 249 8.40 -1.81 27.14
CA ALA A 249 9.82 -1.58 26.99
C ALA A 249 10.52 -2.35 28.08
N PRO A 250 11.75 -2.80 27.83
CA PRO A 250 12.53 -3.29 28.94
C PRO A 250 12.83 -2.20 29.97
N THR A 251 13.48 -2.59 31.05
CA THR A 251 13.93 -1.65 32.08
C THR A 251 14.77 -0.50 31.52
N SER A 252 15.71 -0.83 30.64
CA SER A 252 16.63 0.15 30.03
C SER A 252 16.13 0.74 28.71
N GLY A 253 14.89 0.46 28.32
CA GLY A 253 14.30 1.13 27.19
C GLY A 253 14.52 0.34 25.92
N ALA A 254 14.18 0.94 24.77
CA ALA A 254 14.36 0.28 23.52
C ALA A 254 15.86 0.12 23.29
N ASN A 255 16.24 -0.70 22.33
CA ASN A 255 17.63 -0.96 21.99
C ASN A 255 17.62 -1.32 20.52
N PHE A 256 18.25 -0.49 19.70
CA PHE A 256 18.40 -0.69 18.27
C PHE A 256 18.86 -2.07 17.89
N ASP A 257 20.01 -2.45 18.41
CA ASP A 257 20.61 -3.71 18.03
C ASP A 257 19.75 -4.89 18.45
N LYS A 258 19.14 -4.86 19.63
CA LYS A 258 18.30 -6.01 20.05
C LYS A 258 17.01 -6.04 19.24
N CYS A 259 16.46 -4.87 19.02
CA CYS A 259 15.24 -4.79 18.21
C CYS A 259 15.48 -5.34 16.82
N LYS A 260 16.62 -4.97 16.21
CA LYS A 260 16.87 -5.38 14.82
C LYS A 260 16.88 -6.90 14.75
N LYS A 261 17.48 -7.56 15.74
CA LYS A 261 17.59 -9.02 15.75
C LYS A 261 16.20 -9.63 15.89
N ILE A 262 15.33 -8.98 16.63
CA ILE A 262 13.93 -9.42 16.72
C ILE A 262 13.22 -9.24 15.38
N ILE A 263 13.44 -8.08 14.75
CA ILE A 263 12.80 -7.79 13.45
C ILE A 263 13.27 -8.79 12.44
N GLN A 264 14.57 -9.04 12.38
CA GLN A 264 15.10 -10.04 11.46
C GLN A 264 14.43 -11.38 11.70
N LYS A 265 14.30 -11.80 12.98
CA LYS A 265 13.65 -13.09 13.24
C LYS A 265 12.25 -12.99 12.71
N ALA A 266 11.57 -11.88 12.99
CA ALA A 266 10.17 -11.77 12.66
C ALA A 266 9.94 -11.82 11.20
N LEU A 267 10.92 -11.39 10.42
CA LEU A 267 10.85 -11.50 8.93
C LEU A 267 11.02 -12.90 8.36
N LYS A 268 11.60 -13.83 9.11
CA LYS A 268 11.81 -15.15 8.57
C LYS A 268 12.80 -15.04 7.40
N LEU A 269 13.83 -14.24 7.62
CA LEU A 269 14.98 -14.21 6.69
C LEU A 269 15.59 -15.57 6.46
N ASP A 270 15.50 -16.47 7.44
CA ASP A 270 16.07 -17.83 7.30
C ASP A 270 15.06 -18.91 6.92
N TYR A 271 13.83 -18.53 6.61
CA TYR A 271 12.92 -19.48 6.01
C TYR A 271 13.58 -20.10 4.79
N PRO A 272 13.42 -21.41 4.56
CA PRO A 272 14.15 -22.06 3.49
C PRO A 272 13.60 -21.72 2.10
N CYS A 273 14.52 -21.52 1.17
CA CYS A 273 14.21 -20.93 -0.11
C CYS A 273 14.27 -21.97 -1.22
N PRO A 274 13.11 -22.32 -1.79
CA PRO A 274 13.17 -23.33 -2.87
C PRO A 274 13.61 -22.78 -4.23
N TYR A 275 13.94 -21.50 -4.31
CA TYR A 275 14.22 -20.85 -5.58
C TYR A 275 15.61 -20.27 -5.65
N GLN A 276 15.90 -19.62 -6.77
CA GLN A 276 17.20 -19.05 -7.03
C GLN A 276 17.55 -18.24 -5.82
N ASN A 277 16.73 -17.22 -5.56
CA ASN A 277 16.96 -16.30 -4.44
C ASN A 277 15.60 -15.85 -3.85
N CYS A 278 15.56 -15.76 -2.53
CA CYS A 278 14.39 -15.38 -1.81
C CYS A 278 14.61 -14.09 -1.07
N THR A 279 13.49 -13.48 -0.68
CA THR A 279 13.51 -12.32 0.12
C THR A 279 13.45 -12.81 1.54
N PHE A 280 12.27 -13.27 1.93
CA PHE A 280 12.06 -13.81 3.22
C PHE A 280 10.80 -14.67 3.17
N GLY A 281 10.60 -15.52 4.17
CA GLY A 281 9.48 -16.47 4.17
C GLY A 281 9.36 -17.39 2.96
N GLY A 282 10.47 -17.66 2.26
CA GLY A 282 10.47 -18.60 1.16
C GLY A 282 10.07 -18.01 -0.16
N ILE A 283 9.90 -16.70 -0.20
CA ILE A 283 9.38 -16.06 -1.36
C ILE A 283 10.44 -15.73 -2.44
N TRP A 284 10.14 -16.07 -3.69
CA TRP A 284 11.06 -15.76 -4.77
C TRP A 284 11.19 -14.27 -4.79
N ASN A 285 12.41 -13.77 -4.97
CA ASN A 285 12.63 -12.32 -5.00
C ASN A 285 12.41 -11.69 -6.36
N GLY A 286 12.19 -12.53 -7.38
CA GLY A 286 11.85 -12.05 -8.73
C GLY A 286 13.09 -11.89 -9.59
N GLY A 287 14.28 -12.18 -9.05
CA GLY A 287 15.57 -12.08 -9.81
C GLY A 287 16.25 -10.71 -9.81
N GLY A 288 15.54 -9.68 -9.33
CA GLY A 288 16.08 -8.34 -9.28
C GLY A 288 16.25 -7.78 -10.68
N GLY A 289 17.33 -7.05 -10.88
CA GLY A 289 17.62 -6.53 -12.20
C GLY A 289 17.09 -5.14 -12.41
N SER A 290 17.14 -4.68 -13.66
CA SER A 290 17.07 -3.26 -13.96
C SER A 290 15.69 -2.67 -13.72
N GLY A 291 14.65 -3.53 -13.75
CA GLY A 291 13.26 -3.12 -13.46
C GLY A 291 13.07 -2.75 -12.00
N GLN A 292 14.06 -3.12 -11.18
CA GLN A 292 14.05 -2.89 -9.77
C GLN A 292 15.07 -1.88 -9.25
N LYS A 293 15.95 -1.33 -10.08
CA LYS A 293 16.91 -0.38 -9.55
C LYS A 293 16.31 0.96 -9.15
N LYS A 294 15.36 1.47 -9.93
CA LYS A 294 14.60 2.64 -9.53
C LYS A 294 13.36 2.19 -8.80
N LEU A 295 13.11 2.74 -7.62
CA LEU A 295 11.94 2.34 -6.84
C LEU A 295 11.09 3.50 -6.38
N PHE A 296 9.78 3.33 -6.41
CA PHE A 296 8.87 4.22 -5.70
C PHE A 296 8.25 3.43 -4.55
N ALA A 297 8.36 3.94 -3.34
CA ALA A 297 7.89 3.25 -2.13
C ALA A 297 6.66 4.00 -1.59
N ALA A 298 5.50 3.36 -1.57
CA ALA A 298 4.28 4.09 -1.26
C ALA A 298 3.80 3.89 0.16
N SER A 299 2.80 4.71 0.50
CA SER A 299 2.03 4.57 1.72
C SER A 299 2.93 4.73 2.91
N SER A 300 3.03 3.71 3.73
CA SER A 300 3.75 3.86 4.96
C SER A 300 5.24 4.04 4.79
N PHE A 301 5.80 3.68 3.63
CA PHE A 301 7.21 4.02 3.43
C PHE A 301 7.40 5.50 3.38
N PHE A 302 6.29 6.19 3.13
CA PHE A 302 6.33 7.59 3.22
C PHE A 302 5.84 8.16 4.50
N TYR A 303 4.80 7.57 5.06
CA TYR A 303 4.22 8.12 6.24
C TYR A 303 5.17 8.13 7.40
N LEU A 304 6.10 7.16 7.46
CA LEU A 304 6.99 7.06 8.63
C LEU A 304 7.99 8.22 8.57
N PRO A 305 8.77 8.33 7.51
CA PRO A 305 9.59 9.53 7.32
C PRO A 305 8.84 10.87 7.54
N GLN A 306 7.65 11.03 6.95
CA GLN A 306 6.86 12.25 7.16
C GLN A 306 6.69 12.48 8.64
N ASP A 307 6.40 11.41 9.39
CA ASP A 307 6.12 11.52 10.79
C ASP A 307 7.37 11.72 11.69
N VAL A 308 8.57 11.42 11.24
CA VAL A 308 9.73 11.62 12.08
C VAL A 308 10.69 12.61 11.48
N GLY A 309 10.16 13.56 10.74
CA GLY A 309 10.87 14.79 10.44
C GLY A 309 11.96 14.53 9.46
N MET A 310 11.69 13.62 8.54
CA MET A 310 12.62 13.32 7.53
C MET A 310 12.28 14.08 6.29
N VAL A 311 11.13 14.73 6.28
CA VAL A 311 10.77 15.60 5.17
C VAL A 311 9.75 16.60 5.66
N ASP A 312 9.71 17.77 5.05
CA ASP A 312 8.66 18.71 5.41
C ASP A 312 7.37 17.93 5.31
N PRO A 313 6.63 17.83 6.43
CA PRO A 313 5.38 17.08 6.39
C PRO A 313 4.23 17.76 5.59
N ASN A 314 4.44 18.94 4.98
CA ASN A 314 3.51 19.42 3.94
C ASN A 314 3.73 18.74 2.59
N LYS A 315 4.93 18.22 2.39
CA LYS A 315 5.29 17.58 1.13
C LYS A 315 4.63 16.23 1.04
N SER A 316 4.76 15.57 -0.12
CA SER A 316 4.10 14.29 -0.35
C SER A 316 4.99 13.18 -0.86
N ASN A 317 6.27 13.45 -0.97
CA ASN A 317 7.21 12.42 -1.31
C ASN A 317 8.54 12.97 -0.98
N LEU A 318 9.51 12.07 -0.94
CA LEU A 318 10.86 12.46 -0.68
C LEU A 318 11.76 11.40 -1.25
N LYS A 319 12.95 11.82 -1.66
CA LYS A 319 13.95 10.89 -2.13
C LYS A 319 14.65 10.50 -0.82
N LEU A 320 14.84 9.22 -0.57
CA LEU A 320 15.58 8.78 0.63
C LEU A 320 16.31 7.50 0.35
N ARG A 321 17.19 7.14 1.27
CA ARG A 321 17.99 5.95 1.16
C ARG A 321 17.68 5.12 2.38
N PRO A 322 17.65 3.78 2.24
CA PRO A 322 17.32 3.03 3.46
C PRO A 322 18.15 3.42 4.70
N VAL A 323 19.42 3.70 4.51
CA VAL A 323 20.31 4.01 5.61
C VAL A 323 19.79 5.20 6.42
N ASP A 324 19.10 6.13 5.76
CA ASP A 324 18.50 7.26 6.47
C ASP A 324 17.51 6.75 7.50
N LEU A 325 16.82 5.66 7.21
CA LEU A 325 15.85 5.10 8.16
C LEU A 325 16.59 4.52 9.32
N GLU A 326 17.63 3.72 9.04
CA GLU A 326 18.54 3.21 10.08
C GLU A 326 19.12 4.25 11.01
N ASN A 327 19.75 5.29 10.44
CA ASN A 327 20.23 6.39 11.25
C ASN A 327 19.14 7.08 12.07
N LYS A 328 17.94 7.24 11.54
CA LYS A 328 16.89 7.78 12.40
C LYS A 328 16.59 6.81 13.58
N ALA A 329 16.47 5.55 13.25
CA ALA A 329 16.17 4.58 14.30
C ALA A 329 17.24 4.62 15.37
N LYS A 330 18.46 4.89 14.96
CA LYS A 330 19.56 4.88 15.94
C LYS A 330 19.37 5.91 16.96
N ILE A 331 18.86 7.03 16.50
CA ILE A 331 18.47 8.15 17.36
C ILE A 331 17.19 7.83 18.17
N VAL A 332 16.10 7.49 17.47
CA VAL A 332 14.74 7.32 18.03
C VAL A 332 14.78 6.23 19.06
N CYS A 333 15.49 5.14 18.76
CA CYS A 333 15.56 4.00 19.67
C CYS A 333 16.21 4.26 21.03
N THR A 334 16.80 5.45 21.26
CA THR A 334 17.38 5.79 22.55
C THR A 334 16.50 6.75 23.31
N LEU A 335 15.43 7.19 22.66
CA LEU A 335 14.50 8.10 23.24
C LEU A 335 13.37 7.38 24.01
N ASN A 336 12.80 8.10 24.96
CA ASN A 336 11.57 7.64 25.64
C ASN A 336 10.29 8.15 24.98
N VAL A 337 9.16 7.62 25.43
CA VAL A 337 7.90 7.91 24.81
C VAL A 337 7.57 9.40 24.88
N GLU A 338 7.93 10.05 25.98
CA GLU A 338 7.68 11.47 26.18
C GLU A 338 8.40 12.27 25.10
N ASP A 339 9.71 12.05 24.96
CA ASP A 339 10.49 12.75 23.94
C ASP A 339 9.84 12.53 22.58
N VAL A 340 9.59 11.28 22.27
CA VAL A 340 9.11 10.97 20.95
C VAL A 340 7.80 11.70 20.70
N LYS A 341 6.90 11.63 21.67
CA LYS A 341 5.62 12.26 21.49
C LYS A 341 5.81 13.71 21.19
N SER A 342 6.72 14.32 21.94
CA SER A 342 6.97 15.72 21.82
C SER A 342 7.59 16.08 20.49
N ALA A 343 8.60 15.33 20.08
CA ALA A 343 9.31 15.58 18.84
C ALA A 343 8.44 15.30 17.62
N TYR A 344 7.60 14.28 17.69
CA TYR A 344 6.92 13.76 16.52
C TYR A 344 5.44 13.71 16.76
N PRO A 345 4.80 14.89 16.76
CA PRO A 345 3.39 15.00 16.96
C PRO A 345 2.59 14.09 16.04
N LEU A 346 3.03 13.95 14.79
CA LEU A 346 2.27 13.11 13.85
C LEU A 346 2.15 11.69 14.31
N LEU A 347 3.18 11.25 15.03
CA LEU A 347 3.14 9.91 15.57
C LEU A 347 2.11 9.91 16.69
N GLU A 348 1.97 10.98 17.47
CA GLU A 348 0.86 10.99 18.46
C GLU A 348 -0.51 10.86 17.80
N LYS A 349 -0.77 11.69 16.80
CA LYS A 349 -2.06 11.71 16.07
C LYS A 349 -2.53 10.34 15.60
N PHE A 350 -1.65 9.61 14.92
CA PHE A 350 -1.84 8.16 14.72
C PHE A 350 -1.27 7.55 15.96
N ASN A 351 -1.85 6.52 16.52
CA ASN A 351 -1.51 6.26 17.94
C ASN A 351 -0.26 5.41 18.09
N ILE A 352 0.88 5.90 17.60
CA ILE A 352 1.99 5.00 17.35
C ILE A 352 3.29 5.43 17.91
N VAL A 353 3.24 6.43 18.78
CA VAL A 353 4.44 6.82 19.45
C VAL A 353 5.30 5.63 19.97
N PRO A 354 4.73 4.63 20.70
CA PRO A 354 5.64 3.62 21.28
C PRO A 354 6.33 2.73 20.24
N TYR A 355 5.87 2.83 19.00
CA TYR A 355 6.30 1.95 17.94
C TYR A 355 7.40 2.63 17.11
N ALA A 356 7.73 3.89 17.41
CA ALA A 356 8.65 4.68 16.59
C ALA A 356 9.95 3.99 16.18
N CYS A 357 10.60 3.35 17.12
CA CYS A 357 11.86 2.71 16.89
C CYS A 357 11.64 1.47 16.12
N MET A 358 10.60 0.76 16.46
CA MET A 358 10.30 -0.48 15.78
C MET A 358 9.97 -0.22 14.31
N ASP A 359 9.15 0.82 14.03
CA ASP A 359 8.67 1.04 12.64
C ASP A 359 9.85 1.43 11.76
N LEU A 360 10.76 2.23 12.28
CA LEU A 360 11.99 2.60 11.55
C LEU A 360 12.88 1.39 11.33
N ILE A 361 13.17 0.64 12.37
CA ILE A 361 14.01 -0.54 12.17
C ILE A 361 13.29 -1.48 11.22
N TYR A 362 11.97 -1.63 11.38
CA TYR A 362 11.24 -2.49 10.44
C TYR A 362 11.36 -2.09 8.97
N GLN A 363 11.22 -0.82 8.67
CA GLN A 363 11.26 -0.42 7.29
C GLN A 363 12.68 -0.61 6.75
N TYR A 364 13.69 -0.34 7.57
CA TYR A 364 15.11 -0.62 7.21
C TYR A 364 15.30 -2.07 6.93
N GLU A 365 14.86 -2.93 7.85
CA GLU A 365 15.09 -4.36 7.62
C GLU A 365 14.37 -4.91 6.37
N LEU A 366 13.14 -4.50 6.24
CA LEU A 366 12.25 -5.00 5.14
C LEU A 366 12.92 -4.64 3.84
N LEU A 367 13.34 -3.41 3.73
CA LEU A 367 13.98 -2.95 2.55
C LEU A 367 15.34 -3.59 2.29
N VAL A 368 16.17 -3.78 3.32
CA VAL A 368 17.57 -4.14 3.05
C VAL A 368 17.76 -5.63 3.20
N ASP A 369 17.43 -6.18 4.35
CA ASP A 369 17.60 -7.59 4.57
C ASP A 369 16.50 -8.29 3.88
N GLY A 370 15.30 -7.76 4.01
CA GLY A 370 14.18 -8.28 3.28
C GLY A 370 14.31 -8.27 1.79
N PHE A 371 14.27 -7.11 1.19
CA PHE A 371 14.15 -7.02 -0.23
C PHE A 371 15.50 -6.93 -0.87
N GLY A 372 16.57 -6.65 -0.14
CA GLY A 372 17.87 -6.68 -0.76
C GLY A 372 18.22 -5.38 -1.41
N LEU A 373 17.64 -4.28 -0.97
CA LEU A 373 18.00 -2.97 -1.48
C LEU A 373 19.30 -2.58 -0.83
N ASP A 374 20.11 -1.85 -1.60
CA ASP A 374 21.35 -1.32 -1.13
C ASP A 374 20.93 -0.17 -0.26
N PRO A 375 21.43 -0.11 0.98
CA PRO A 375 21.10 0.98 1.87
C PRO A 375 21.56 2.38 1.43
N LEU A 376 22.43 2.47 0.43
CA LEU A 376 22.82 3.76 -0.10
C LEU A 376 22.03 4.06 -1.38
N GLN A 377 21.16 3.14 -1.74
CA GLN A 377 20.30 3.27 -2.90
C GLN A 377 19.21 4.30 -2.60
N GLU A 378 19.25 5.42 -3.29
CA GLU A 378 18.21 6.38 -3.18
C GLU A 378 16.93 5.77 -3.74
N ILE A 379 15.80 5.95 -3.04
CA ILE A 379 14.49 5.62 -3.60
C ILE A 379 13.54 6.82 -3.40
N THR A 380 12.41 6.82 -4.07
CA THR A 380 11.43 7.85 -3.84
C THR A 380 10.41 7.21 -2.93
N ALA A 381 10.10 7.83 -1.80
CA ALA A 381 8.98 7.39 -0.98
C ALA A 381 7.94 8.45 -1.04
N GLY A 382 6.68 8.11 -1.23
CA GLY A 382 5.70 9.16 -1.41
C GLY A 382 4.32 8.61 -1.27
N GLU A 383 3.39 9.46 -0.86
CA GLU A 383 1.99 9.13 -0.91
C GLU A 383 1.33 9.72 -2.14
N LYS A 384 1.97 10.70 -2.74
CA LYS A 384 1.58 11.20 -4.01
C LYS A 384 2.82 11.32 -4.84
N ILE A 385 2.61 11.47 -6.13
CA ILE A 385 3.67 11.66 -7.05
C ILE A 385 3.24 12.80 -8.01
N GLU A 386 4.24 13.52 -8.52
CA GLU A 386 4.05 14.76 -9.25
C GLU A 386 3.61 14.40 -10.65
N TYR A 387 2.54 15.00 -11.12
CA TYR A 387 2.15 14.89 -12.51
C TYR A 387 1.91 16.29 -12.98
N GLN A 388 2.83 16.77 -13.82
CA GLN A 388 2.84 18.15 -14.25
C GLN A 388 2.99 19.01 -12.99
N GLU A 389 2.18 20.05 -12.88
CA GLU A 389 2.18 20.89 -11.71
C GLU A 389 1.47 20.17 -10.54
N ALA A 390 0.61 19.20 -10.84
CA ALA A 390 -0.30 18.70 -9.79
C ALA A 390 0.25 17.45 -9.10
N LEU A 391 -0.56 16.85 -8.23
CA LEU A 391 -0.22 15.61 -7.60
C LEU A 391 -1.32 14.57 -7.86
N VAL A 392 -0.89 13.36 -8.16
CA VAL A 392 -1.73 12.20 -8.14
C VAL A 392 -1.40 11.34 -6.90
N ASP A 393 -2.41 10.68 -6.38
CA ASP A 393 -2.30 9.74 -5.27
C ASP A 393 -1.51 8.50 -5.66
N ALA A 394 -0.50 8.17 -4.86
CA ALA A 394 0.33 7.03 -5.18
C ALA A 394 -0.34 5.82 -4.63
N ALA A 395 -1.31 5.34 -5.41
CA ALA A 395 -2.23 4.30 -5.05
C ALA A 395 -2.61 3.49 -6.32
N TRP A 396 -3.29 2.40 -6.12
CA TRP A 396 -3.62 1.49 -7.22
C TRP A 396 -4.73 2.04 -8.11
N ALA A 397 -5.47 3.00 -7.59
CA ALA A 397 -6.64 3.52 -8.24
C ALA A 397 -6.33 3.96 -9.68
N LEU A 398 -5.34 4.80 -9.89
CA LEU A 398 -5.11 5.32 -11.22
C LEU A 398 -4.76 4.20 -12.19
N GLY A 399 -3.92 3.25 -11.74
CA GLY A 399 -3.54 2.13 -12.57
C GLY A 399 -4.73 1.29 -12.99
N ASN A 400 -5.75 1.21 -12.15
CA ASN A 400 -6.92 0.42 -12.43
C ASN A 400 -7.85 1.20 -13.35
N ALA A 401 -7.92 2.53 -13.16
CA ALA A 401 -8.63 3.41 -14.11
C ALA A 401 -7.97 3.29 -15.48
N VAL A 402 -6.65 3.40 -15.51
CA VAL A 402 -5.90 3.27 -16.74
C VAL A 402 -6.18 1.94 -17.44
N GLU A 403 -6.08 0.83 -16.75
CA GLU A 403 -6.45 -0.42 -17.40
C GLU A 403 -7.94 -0.53 -17.74
N ALA A 404 -8.83 0.03 -16.93
CA ALA A 404 -10.25 -0.07 -17.28
C ALA A 404 -10.48 0.71 -18.55
N VAL A 405 -9.76 1.82 -18.70
CA VAL A 405 -9.97 2.69 -19.83
C VAL A 405 -9.44 2.06 -21.11
N LEU A 406 -8.30 1.39 -21.04
CA LEU A 406 -7.73 0.76 -22.24
C LEU A 406 -8.64 -0.34 -22.82
N LEU A 407 -9.79 -0.56 -22.17
CA LEU A 407 -10.77 -1.56 -22.56
C LEU A 407 -11.97 -0.99 -23.33
P AMP B . -6.63 1.19 3.83
O1P AMP B . -6.73 1.81 2.46
O2P AMP B . -7.72 1.60 4.80
O3P AMP B . -6.39 -0.30 3.80
O5' AMP B . -5.26 1.85 4.41
C5' AMP B . -4.93 3.25 4.25
C4' AMP B . -4.48 3.83 5.60
O4' AMP B . -3.36 4.75 5.60
C3' AMP B . -5.58 4.61 6.31
O3' AMP B . -6.23 3.71 7.20
C2' AMP B . -4.87 5.72 7.08
O2' AMP B . -5.31 5.75 8.46
C1' AMP B . -3.40 5.34 6.92
N9 AMP B . -2.49 6.50 7.19
C8 AMP B . -2.43 7.72 6.61
N7 AMP B . -1.46 8.50 7.16
C5 AMP B . -0.88 7.77 8.11
C6 AMP B . 0.22 7.98 9.07
N6 AMP B . 0.88 9.15 9.09
N1 AMP B . 0.53 6.96 9.93
C2 AMP B . -0.12 5.75 9.89
N3 AMP B . -1.15 5.50 9.02
C4 AMP B . -1.56 6.46 8.14
#